data_1YPN
#
_entry.id   1YPN
#
_cell.length_a   88.470
_cell.length_b   76.150
_cell.length_c   50.790
_cell.angle_alpha   90.00
_cell.angle_beta   90.00
_cell.angle_gamma   90.00
#
_symmetry.space_group_name_H-M   'P 21 21 2'
#
loop_
_entity.id
_entity.type
_entity.pdbx_description
1 polymer 'HYDROXYMETHYLBILANE SYNTHASE'
2 non-polymer '3-[5-{[3-(2-carboxyethyl)-4-(carboxymethyl)-5-methyl-1H-pyrrol-2-yl]methyl}-4-(carboxymethyl)-1H-pyrrol-3-yl]propanoic acid'
3 water water
#
_entity_poly.entity_id   1
_entity_poly.type   'polypeptide(L)'
_entity_poly.pdbx_seq_one_letter_code
;MLDNVLRIATRQSPLALWQAHYVKDKLMASHPGLVVELVPMVTRGDVILDTPLAKVGGQGLFVKELEVALLENRADIAVH
SMKDVPVEFPQGLGLVTICEREDPRDAFVSNNYDSLDALPAGSIVGTSSLRRQCQLAERRPDLIIRSLRGNVGTRLSKLD
NGEYDAIILAVAGLKRLGLESRIRAALPPEISLPAVGQGAVGIECRLDDSRTRELLAALNHHETALRVTAERAMNTRLEG
GCQVPIGSYAELIDGEIWLRALVGAPDGSQIIRGERRGAPQDAEQMGISLAEELLNNGAREILAEVYNGDAPA
;
_entity_poly.pdbx_strand_id   A
#
loop_
_chem_comp.id
_chem_comp.type
_chem_comp.name
_chem_comp.formula
DPM non-polymer '3-[5-{[3-(2-carboxyethyl)-4-(carboxymethyl)-5-methyl-1H-pyrrol-2-yl]methyl}-4-(carboxymethyl)-1H-pyrrol-3-yl]propanoic acid' 'C20 H24 N2 O8'
#
# COMPACT_ATOMS: atom_id res chain seq x y z
N ASP A 3 14.99 12.64 -27.11
CA ASP A 3 15.61 11.47 -26.48
C ASP A 3 14.83 10.22 -26.84
N ASN A 4 13.54 10.21 -26.51
CA ASN A 4 12.65 9.09 -26.81
C ASN A 4 12.93 7.79 -26.05
N VAL A 5 13.50 7.89 -24.87
CA VAL A 5 13.82 6.72 -24.07
C VAL A 5 13.41 6.98 -22.63
N LEU A 6 12.60 6.08 -22.08
CA LEU A 6 12.15 6.19 -20.70
C LEU A 6 12.66 5.01 -19.88
N ARG A 7 13.50 5.31 -18.89
CA ARG A 7 14.08 4.30 -18.01
C ARG A 7 13.23 4.16 -16.76
N ILE A 8 12.93 2.92 -16.39
CA ILE A 8 12.10 2.63 -15.23
C ILE A 8 12.84 1.90 -14.12
N ALA A 9 12.98 2.54 -12.96
CA ALA A 9 13.65 1.93 -11.82
C ALA A 9 12.58 1.12 -11.07
N THR A 10 12.94 -0.08 -10.64
CA THR A 10 12.00 -0.94 -9.93
C THR A 10 12.73 -1.96 -9.08
N ARG A 11 12.03 -2.48 -8.08
CA ARG A 11 12.57 -3.52 -7.22
C ARG A 11 12.64 -4.76 -8.12
N GLN A 12 13.29 -5.81 -7.66
CA GLN A 12 13.45 -6.99 -8.50
C GLN A 12 12.72 -8.24 -8.06
N SER A 13 11.70 -8.09 -7.23
CA SER A 13 10.94 -9.25 -6.80
C SER A 13 9.96 -9.53 -7.92
N PRO A 14 9.40 -10.75 -7.97
CA PRO A 14 8.43 -11.09 -9.02
C PRO A 14 7.30 -10.07 -9.17
N LEU A 15 6.73 -9.63 -8.05
CA LEU A 15 5.61 -8.67 -8.08
C LEU A 15 6.03 -7.30 -8.55
N ALA A 16 7.19 -6.87 -8.08
CA ALA A 16 7.70 -5.57 -8.47
C ALA A 16 7.89 -5.55 -9.99
N LEU A 17 8.39 -6.64 -10.55
CA LEU A 17 8.62 -6.72 -11.98
C LEU A 17 7.30 -6.79 -12.74
N TRP A 18 6.26 -7.31 -12.09
CA TRP A 18 4.94 -7.38 -12.71
C TRP A 18 4.45 -5.95 -12.90
N GLN A 19 4.67 -5.12 -11.88
CA GLN A 19 4.24 -3.72 -11.92
C GLN A 19 5.00 -2.92 -12.96
N ALA A 20 6.28 -3.23 -13.12
CA ALA A 20 7.09 -2.52 -14.11
C ALA A 20 6.53 -2.79 -15.50
N HIS A 21 6.29 -4.07 -15.80
CA HIS A 21 5.73 -4.47 -17.09
C HIS A 21 4.33 -3.92 -17.33
N TYR A 22 3.53 -3.86 -16.28
CA TYR A 22 2.18 -3.32 -16.36
C TYR A 22 2.28 -1.88 -16.88
N VAL A 23 3.08 -1.07 -16.19
CA VAL A 23 3.28 0.32 -16.56
C VAL A 23 3.89 0.44 -17.98
N LYS A 24 4.91 -0.37 -18.25
CA LYS A 24 5.59 -0.39 -19.56
C LYS A 24 4.61 -0.62 -20.69
N ASP A 25 3.67 -1.52 -20.48
CA ASP A 25 2.68 -1.84 -21.49
C ASP A 25 1.72 -0.70 -21.73
N LYS A 26 1.25 -0.06 -20.67
CA LYS A 26 0.33 1.07 -20.83
C LYS A 26 1.05 2.24 -21.51
N LEU A 27 2.36 2.34 -21.31
CA LEU A 27 3.10 3.42 -21.96
C LEU A 27 3.24 3.08 -23.45
N MET A 28 3.62 1.85 -23.77
CA MET A 28 3.75 1.46 -25.17
C MET A 28 2.40 1.59 -25.89
N ALA A 29 1.32 1.25 -25.19
CA ALA A 29 -0.01 1.34 -25.76
C ALA A 29 -0.35 2.73 -26.24
N SER A 30 -0.10 3.73 -25.40
CA SER A 30 -0.38 5.12 -25.73
C SER A 30 0.71 5.73 -26.58
N HIS A 31 1.92 5.19 -26.48
CA HIS A 31 3.06 5.68 -27.25
C HIS A 31 3.79 4.48 -27.86
N PRO A 32 3.41 4.11 -29.09
CA PRO A 32 3.91 3.00 -29.91
C PRO A 32 5.41 2.99 -30.21
N GLY A 33 6.01 4.17 -30.34
CA GLY A 33 7.42 4.25 -30.64
C GLY A 33 8.28 4.79 -29.51
N LEU A 34 8.05 4.31 -28.30
CA LEU A 34 8.82 4.76 -27.16
C LEU A 34 9.65 3.59 -26.70
N VAL A 35 10.93 3.82 -26.43
CA VAL A 35 11.78 2.73 -25.97
C VAL A 35 11.81 2.76 -24.47
N VAL A 36 11.22 1.74 -23.86
CA VAL A 36 11.16 1.63 -22.41
C VAL A 36 12.21 0.65 -21.91
N GLU A 37 13.12 1.13 -21.07
CA GLU A 37 14.15 0.28 -20.52
C GLU A 37 13.88 0.05 -19.03
N LEU A 38 14.01 -1.19 -18.58
CA LEU A 38 13.80 -1.51 -17.17
C LEU A 38 15.17 -1.46 -16.48
N VAL A 39 15.23 -0.83 -15.32
CA VAL A 39 16.46 -0.72 -14.52
C VAL A 39 16.09 -1.26 -13.14
N PRO A 40 16.11 -2.60 -12.99
CA PRO A 40 15.78 -3.23 -11.70
C PRO A 40 16.89 -3.04 -10.68
N MET A 41 16.52 -3.03 -9.40
CA MET A 41 17.48 -2.86 -8.33
C MET A 41 16.90 -3.30 -6.99
N VAL A 42 17.81 -3.60 -6.07
CA VAL A 42 17.44 -4.05 -4.73
C VAL A 42 17.18 -2.85 -3.82
N THR A 43 16.54 -3.11 -2.69
CA THR A 43 16.23 -2.07 -1.70
C THR A 43 16.58 -2.58 -0.31
N ARG A 44 16.75 -1.64 0.62
CA ARG A 44 17.11 -1.95 2.00
C ARG A 44 16.14 -2.95 2.64
N GLY A 45 14.85 -2.77 2.37
CA GLY A 45 13.83 -3.65 2.93
C GLY A 45 13.96 -5.09 2.46
N ASP A 46 14.57 -5.28 1.30
CA ASP A 46 14.76 -6.61 0.75
C ASP A 46 15.88 -7.36 1.46
N VAL A 47 16.75 -6.62 2.13
CA VAL A 47 17.86 -7.19 2.88
C VAL A 47 17.70 -6.94 4.38
N GLY A 58 16.34 8.01 6.23
CA GLY A 58 14.88 8.00 6.24
C GLY A 58 14.29 6.62 6.18
N GLN A 59 12.98 6.54 6.06
CA GLN A 59 12.26 5.27 5.99
C GLN A 59 12.24 4.75 4.55
N GLY A 60 13.37 4.87 3.86
CA GLY A 60 13.44 4.43 2.48
C GLY A 60 13.81 2.96 2.29
N LEU A 61 13.08 2.08 2.96
CA LEU A 61 13.32 0.65 2.86
C LEU A 61 13.20 0.13 1.42
N PHE A 62 11.99 0.24 0.86
CA PHE A 62 11.73 -0.23 -0.52
C PHE A 62 11.66 0.93 -1.53
N VAL A 63 12.16 2.12 -1.16
CA VAL A 63 12.06 3.27 -2.05
C VAL A 63 13.31 4.15 -2.21
N LYS A 64 14.10 4.29 -1.15
CA LYS A 64 15.28 5.14 -1.15
C LYS A 64 16.22 5.01 -2.36
N GLU A 65 16.61 3.78 -2.68
CA GLU A 65 17.52 3.52 -3.78
C GLU A 65 16.94 3.92 -5.15
N LEU A 66 15.62 3.82 -5.29
CA LEU A 66 14.97 4.19 -6.54
C LEU A 66 14.99 5.70 -6.65
N GLU A 67 14.97 6.38 -5.50
CA GLU A 67 14.99 7.83 -5.46
C GLU A 67 16.39 8.31 -5.80
N VAL A 68 17.40 7.60 -5.30
CA VAL A 68 18.79 7.93 -5.58
C VAL A 68 19.03 7.76 -7.08
N ALA A 69 18.41 6.75 -7.67
CA ALA A 69 18.53 6.47 -9.10
C ALA A 69 17.88 7.60 -9.90
N LEU A 70 16.77 8.12 -9.39
CA LEU A 70 16.08 9.21 -10.07
C LEU A 70 16.88 10.50 -10.02
N LEU A 71 17.54 10.75 -8.89
CA LEU A 71 18.35 11.95 -8.67
C LEU A 71 19.69 11.94 -9.40
N GLU A 72 20.12 10.75 -9.81
CA GLU A 72 21.40 10.61 -10.52
C GLU A 72 21.20 10.38 -12.00
N ASN A 73 19.98 10.55 -12.48
CA ASN A 73 19.64 10.37 -13.89
C ASN A 73 19.87 8.92 -14.37
N ARG A 74 19.91 7.98 -13.44
CA ARG A 74 20.07 6.57 -13.77
C ARG A 74 18.73 5.98 -14.22
N ALA A 75 17.66 6.71 -13.92
CA ALA A 75 16.30 6.32 -14.29
C ALA A 75 15.46 7.58 -14.48
N ASP A 76 14.29 7.44 -15.07
CA ASP A 76 13.43 8.58 -15.29
C ASP A 76 12.19 8.49 -14.43
N ILE A 77 11.71 7.27 -14.19
CA ILE A 77 10.56 7.09 -13.33
C ILE A 77 10.83 5.95 -12.37
N ALA A 78 10.04 5.90 -11.29
CA ALA A 78 10.13 4.84 -10.28
C ALA A 78 8.72 4.35 -10.02
N VAL A 79 8.54 3.04 -10.08
CA VAL A 79 7.24 2.41 -9.88
C VAL A 79 7.13 1.74 -8.50
N HIS A 80 6.07 2.06 -7.76
CA HIS A 80 5.85 1.47 -6.43
C HIS A 80 4.40 1.13 -6.20
N SER A 81 4.16 0.29 -5.19
CA SER A 81 2.81 -0.04 -4.76
C SER A 81 2.58 1.23 -3.94
N MET A 82 1.43 1.87 -4.09
CA MET A 82 1.18 3.11 -3.37
C MET A 82 1.40 3.05 -1.87
N LYS A 83 1.17 1.90 -1.24
CA LYS A 83 1.36 1.81 0.20
C LYS A 83 2.81 1.78 0.67
N ASP A 84 3.74 1.63 -0.29
CA ASP A 84 5.17 1.61 0.04
C ASP A 84 5.79 2.97 -0.09
N VAL A 85 5.10 3.86 -0.82
CA VAL A 85 5.57 5.21 -1.06
C VAL A 85 5.59 6.04 0.24
N PRO A 86 6.71 6.71 0.52
CA PRO A 86 6.89 7.54 1.71
C PRO A 86 6.03 8.80 1.63
N VAL A 87 5.75 9.43 2.77
CA VAL A 87 4.93 10.65 2.76
C VAL A 87 5.77 11.89 2.48
N GLU A 88 7.07 11.78 2.77
CA GLU A 88 8.03 12.86 2.55
C GLU A 88 8.80 12.53 1.27
N PHE A 89 9.07 13.54 0.43
CA PHE A 89 9.82 13.35 -0.81
C PHE A 89 11.01 14.27 -0.81
N PRO A 90 12.17 13.76 -1.25
CA PRO A 90 13.38 14.60 -1.28
C PRO A 90 13.24 15.68 -2.35
N GLN A 91 13.90 16.81 -2.11
CA GLN A 91 13.91 17.97 -2.99
C GLN A 91 14.11 17.57 -4.47
N GLY A 92 13.07 17.78 -5.27
CA GLY A 92 13.11 17.46 -6.68
C GLY A 92 12.16 16.37 -7.13
N LEU A 93 11.99 15.34 -6.32
CA LEU A 93 11.11 14.22 -6.66
C LEU A 93 9.71 14.38 -6.11
N GLY A 94 8.80 13.58 -6.64
CA GLY A 94 7.41 13.60 -6.22
C GLY A 94 6.56 12.57 -6.94
N LEU A 95 5.43 12.22 -6.35
CA LEU A 95 4.48 11.26 -6.92
C LEU A 95 3.69 12.05 -7.98
N VAL A 96 3.59 11.52 -9.20
CA VAL A 96 2.86 12.23 -10.27
C VAL A 96 1.74 11.45 -10.96
N THR A 97 1.79 10.12 -10.90
CA THR A 97 0.76 9.32 -11.53
C THR A 97 0.26 8.23 -10.60
N ILE A 98 -1.05 8.05 -10.55
CA ILE A 98 -1.66 7.01 -9.74
C ILE A 98 -2.56 6.22 -10.67
N CYS A 99 -2.20 4.97 -10.89
CA CYS A 99 -2.92 4.07 -11.78
C CYS A 99 -4.23 3.52 -11.21
N GLU A 100 -5.03 2.91 -12.08
CA GLU A 100 -6.30 2.35 -11.69
C GLU A 100 -6.12 1.35 -10.55
N ARG A 101 -6.89 1.57 -9.51
CA ARG A 101 -6.85 0.75 -8.31
C ARG A 101 -7.45 -0.62 -8.50
N GLU A 102 -6.70 -1.64 -8.08
CA GLU A 102 -7.15 -3.02 -8.12
C GLU A 102 -7.86 -3.24 -6.79
N ASP A 103 -8.15 -4.49 -6.43
CA ASP A 103 -8.86 -4.79 -5.19
C ASP A 103 -7.96 -4.37 -4.03
N PRO A 104 -8.41 -3.40 -3.21
CA PRO A 104 -7.70 -2.85 -2.04
C PRO A 104 -7.81 -3.64 -0.75
N ARG A 105 -8.55 -4.74 -0.78
CA ARG A 105 -8.75 -5.53 0.42
C ARG A 105 -7.64 -6.48 0.82
N ASP A 106 -7.65 -6.84 2.09
CA ASP A 106 -6.71 -7.80 2.66
C ASP A 106 -7.39 -9.12 2.40
N ALA A 107 -6.63 -10.20 2.52
CA ALA A 107 -7.16 -11.52 2.26
C ALA A 107 -6.59 -12.49 3.26
N PHE A 108 -7.45 -13.42 3.70
CA PHE A 108 -7.09 -14.47 4.65
C PHE A 108 -6.62 -15.63 3.77
N VAL A 109 -5.41 -16.11 4.01
CA VAL A 109 -4.85 -17.21 3.27
C VAL A 109 -4.56 -18.35 4.21
N SER A 110 -5.00 -19.56 3.86
CA SER A 110 -4.78 -20.75 4.67
C SER A 110 -5.01 -22.02 3.88
N ASN A 111 -4.37 -23.10 4.33
CA ASN A 111 -4.48 -24.42 3.72
C ASN A 111 -5.56 -25.25 4.40
N ASN A 112 -5.47 -25.43 5.72
CA ASN A 112 -6.45 -26.25 6.45
C ASN A 112 -7.73 -25.56 6.93
N TYR A 113 -7.77 -24.23 6.86
CA TYR A 113 -8.94 -23.49 7.32
C TYR A 113 -9.60 -22.63 6.26
N ASP A 114 -10.92 -22.51 6.37
CA ASP A 114 -11.74 -21.75 5.43
C ASP A 114 -12.05 -20.32 5.81
N SER A 115 -11.84 -19.96 7.07
CA SER A 115 -12.13 -18.62 7.52
C SER A 115 -11.41 -18.28 8.81
N LEU A 116 -11.51 -17.02 9.18
CA LEU A 116 -10.90 -16.48 10.40
C LEU A 116 -11.64 -16.97 11.65
N ASP A 117 -12.97 -16.94 11.60
CA ASP A 117 -13.77 -17.40 12.74
C ASP A 117 -13.78 -18.92 12.89
N ALA A 118 -13.09 -19.62 11.98
CA ALA A 118 -13.00 -21.08 12.02
C ALA A 118 -11.67 -21.56 12.59
N LEU A 119 -10.77 -20.63 12.86
CA LEU A 119 -9.45 -20.95 13.41
C LEU A 119 -9.59 -21.17 14.91
N PRO A 120 -9.07 -22.29 15.43
CA PRO A 120 -9.17 -22.53 16.87
C PRO A 120 -8.23 -21.59 17.62
N ALA A 121 -8.52 -21.37 18.90
CA ALA A 121 -7.66 -20.52 19.73
C ALA A 121 -6.26 -21.09 19.67
N GLY A 122 -5.27 -20.21 19.60
CA GLY A 122 -3.91 -20.70 19.53
C GLY A 122 -3.38 -20.75 18.10
N SER A 123 -4.27 -20.73 17.11
CA SER A 123 -3.83 -20.74 15.72
C SER A 123 -2.85 -19.60 15.51
N ILE A 124 -1.81 -19.86 14.71
CA ILE A 124 -0.78 -18.87 14.43
C ILE A 124 -1.01 -18.15 13.10
N VAL A 125 -1.29 -16.85 13.19
CA VAL A 125 -1.52 -16.04 12.01
C VAL A 125 -0.24 -15.25 11.74
N GLY A 126 0.12 -15.13 10.47
CA GLY A 126 1.33 -14.42 10.13
C GLY A 126 1.17 -13.11 9.41
N THR A 127 1.77 -12.08 10.00
CA THR A 127 1.79 -10.74 9.47
C THR A 127 2.66 -9.87 10.38
N SER A 128 3.40 -8.95 9.77
CA SER A 128 4.26 -8.00 10.47
C SER A 128 3.60 -6.63 10.46
N SER A 129 2.41 -6.57 9.87
CA SER A 129 1.66 -5.34 9.79
C SER A 129 0.98 -5.07 11.13
N LEU A 130 1.33 -3.95 11.74
CA LEU A 130 0.72 -3.62 13.00
C LEU A 130 -0.74 -3.26 12.77
N ARG A 131 -1.05 -2.71 11.59
CA ARG A 131 -2.40 -2.33 11.20
C ARG A 131 -3.28 -3.59 11.17
N ARG A 132 -2.79 -4.63 10.52
CA ARG A 132 -3.50 -5.88 10.43
C ARG A 132 -3.56 -6.59 11.77
N GLN A 133 -2.48 -6.49 12.53
CA GLN A 133 -2.38 -7.12 13.83
C GLN A 133 -3.36 -6.58 14.87
N CYS A 134 -3.45 -5.24 14.99
CA CYS A 134 -4.33 -4.58 15.95
C CYS A 134 -5.80 -4.91 15.74
N GLN A 135 -6.21 -4.95 14.47
CA GLN A 135 -7.60 -5.26 14.12
C GLN A 135 -8.00 -6.70 14.41
N LEU A 136 -7.08 -7.63 14.24
CA LEU A 136 -7.38 -9.05 14.51
C LEU A 136 -7.38 -9.34 16.00
N ALA A 137 -6.49 -8.65 16.73
CA ALA A 137 -6.38 -8.83 18.17
C ALA A 137 -7.61 -8.26 18.86
N GLU A 138 -8.22 -7.26 18.24
CA GLU A 138 -9.41 -6.62 18.78
C GLU A 138 -10.63 -7.52 18.75
N ARG A 139 -10.67 -8.41 17.75
CA ARG A 139 -11.79 -9.30 17.57
C ARG A 139 -11.49 -10.72 18.04
N ARG A 140 -10.26 -11.17 17.82
CA ARG A 140 -9.85 -12.51 18.19
C ARG A 140 -8.60 -12.50 19.06
N PRO A 141 -8.72 -12.01 20.31
CA PRO A 141 -7.57 -11.95 21.23
C PRO A 141 -6.94 -13.31 21.57
N ASP A 142 -7.62 -14.40 21.22
CA ASP A 142 -7.13 -15.75 21.47
C ASP A 142 -6.20 -16.28 20.36
N LEU A 143 -5.96 -15.47 19.34
CA LEU A 143 -5.08 -15.86 18.24
C LEU A 143 -3.68 -15.35 18.48
N ILE A 144 -2.69 -16.09 17.99
CA ILE A 144 -1.29 -15.70 18.14
C ILE A 144 -0.85 -15.03 16.85
N ILE A 145 -0.40 -13.79 16.95
CA ILE A 145 0.05 -13.09 15.76
C ILE A 145 1.57 -13.18 15.70
N ARG A 146 2.05 -13.93 14.71
CA ARG A 146 3.48 -14.15 14.51
C ARG A 146 3.94 -13.27 13.34
N SER A 147 5.13 -12.70 13.49
CA SER A 147 5.70 -11.84 12.46
C SER A 147 6.03 -12.65 11.20
N LEU A 148 5.91 -12.02 10.05
CA LEU A 148 6.22 -12.69 8.80
C LEU A 148 6.88 -11.67 7.89
N ARG A 149 7.93 -12.07 7.18
CA ARG A 149 8.65 -11.18 6.28
C ARG A 149 9.04 -11.89 5.00
N GLY A 150 9.34 -11.13 3.96
CA GLY A 150 9.72 -11.71 2.69
C GLY A 150 8.70 -11.52 1.57
N ASN A 151 9.13 -11.76 0.34
CA ASN A 151 8.25 -11.62 -0.82
C ASN A 151 7.03 -12.52 -0.67
N VAL A 152 6.04 -12.29 -1.52
CA VAL A 152 4.80 -13.06 -1.51
C VAL A 152 5.12 -14.57 -1.48
N GLY A 153 5.91 -15.01 -2.46
CA GLY A 153 6.31 -16.40 -2.58
C GLY A 153 6.96 -17.01 -1.36
N THR A 154 7.78 -16.21 -0.68
CA THR A 154 8.45 -16.69 0.53
C THR A 154 7.43 -16.80 1.66
N ARG A 155 6.47 -15.89 1.67
CA ARG A 155 5.43 -15.91 2.69
C ARG A 155 4.56 -17.14 2.48
N LEU A 156 4.20 -17.40 1.23
CA LEU A 156 3.40 -18.58 0.91
C LEU A 156 4.18 -19.84 1.27
N SER A 157 5.49 -19.83 1.02
CA SER A 157 6.35 -20.97 1.35
C SER A 157 6.25 -21.31 2.82
N LYS A 158 6.47 -20.31 3.68
CA LYS A 158 6.40 -20.52 5.13
C LYS A 158 5.06 -21.07 5.63
N LEU A 159 3.96 -20.66 4.98
CA LEU A 159 2.64 -21.14 5.35
C LEU A 159 2.52 -22.60 4.96
N ASP A 160 3.03 -22.94 3.77
CA ASP A 160 2.99 -24.32 3.30
C ASP A 160 3.89 -25.23 4.13
N ASN A 161 4.98 -24.66 4.66
CA ASN A 161 5.93 -25.38 5.50
C ASN A 161 5.40 -25.54 6.92
N GLY A 162 4.15 -25.12 7.11
CA GLY A 162 3.50 -25.23 8.41
C GLY A 162 4.00 -24.26 9.46
N GLU A 163 4.74 -23.24 9.08
CA GLU A 163 5.23 -22.28 10.07
C GLU A 163 4.14 -21.40 10.66
N TYR A 164 3.01 -21.28 9.95
CA TYR A 164 1.87 -20.46 10.38
C TYR A 164 0.59 -21.19 9.99
N ASP A 165 -0.48 -20.94 10.72
CA ASP A 165 -1.77 -21.57 10.41
C ASP A 165 -2.49 -20.80 9.33
N ALA A 166 -2.18 -19.52 9.20
CA ALA A 166 -2.77 -18.66 8.20
C ALA A 166 -1.92 -17.40 8.14
N ILE A 167 -2.07 -16.62 7.07
CA ILE A 167 -1.35 -15.37 6.93
C ILE A 167 -2.27 -14.38 6.23
N ILE A 168 -2.04 -13.09 6.44
CA ILE A 168 -2.86 -12.07 5.80
C ILE A 168 -2.02 -11.38 4.74
N LEU A 169 -2.59 -11.25 3.54
CA LEU A 169 -1.91 -10.60 2.42
C LEU A 169 -2.93 -9.77 1.65
N ALA A 170 -2.45 -8.85 0.84
CA ALA A 170 -3.31 -8.00 0.03
C ALA A 170 -3.88 -8.81 -1.11
N VAL A 171 -5.15 -8.58 -1.43
CA VAL A 171 -5.81 -9.29 -2.52
C VAL A 171 -5.17 -8.91 -3.85
N ALA A 172 -4.79 -7.64 -4.00
CA ALA A 172 -4.15 -7.13 -5.21
C ALA A 172 -2.87 -7.86 -5.55
N GLY A 173 -2.09 -8.20 -4.52
CA GLY A 173 -0.83 -8.90 -4.72
C GLY A 173 -0.96 -10.29 -5.31
N LEU A 174 -1.76 -11.13 -4.66
CA LEU A 174 -1.99 -12.50 -5.12
C LEU A 174 -2.66 -12.58 -6.48
N LYS A 175 -3.63 -11.71 -6.72
CA LYS A 175 -4.33 -11.69 -7.98
C LYS A 175 -3.38 -11.42 -9.15
N ARG A 176 -2.60 -10.36 -9.05
CA ARG A 176 -1.62 -10.00 -10.09
C ARG A 176 -0.57 -11.11 -10.37
N LEU A 177 -0.23 -11.90 -9.36
CA LEU A 177 0.74 -12.97 -9.54
C LEU A 177 0.10 -14.28 -10.03
N GLY A 178 -1.19 -14.24 -10.34
CA GLY A 178 -1.90 -15.42 -10.81
C GLY A 178 -2.05 -16.47 -9.73
N LEU A 179 -1.96 -16.04 -8.48
CA LEU A 179 -2.08 -16.92 -7.32
C LEU A 179 -3.37 -16.61 -6.56
N GLU A 180 -4.40 -16.19 -7.28
CA GLU A 180 -5.67 -15.84 -6.67
C GLU A 180 -6.39 -17.01 -6.02
N SER A 181 -5.92 -18.23 -6.25
CA SER A 181 -6.52 -19.41 -5.64
C SER A 181 -6.13 -19.50 -4.16
N ARG A 182 -5.11 -18.73 -3.76
CA ARG A 182 -4.64 -18.71 -2.39
C ARG A 182 -5.53 -17.87 -1.51
N ILE A 183 -6.37 -17.06 -2.16
CA ILE A 183 -7.29 -16.18 -1.45
C ILE A 183 -8.47 -16.98 -0.91
N ARG A 184 -8.34 -17.44 0.34
CA ARG A 184 -9.37 -18.23 0.99
C ARG A 184 -10.64 -17.40 1.30
N ALA A 185 -10.44 -16.10 1.53
CA ALA A 185 -11.53 -15.16 1.84
C ALA A 185 -11.02 -13.73 1.84
N ALA A 186 -11.60 -12.87 1.00
CA ALA A 186 -11.24 -11.46 0.95
C ALA A 186 -11.94 -10.79 2.13
N LEU A 187 -11.17 -10.24 3.05
CA LEU A 187 -11.75 -9.60 4.23
C LEU A 187 -12.33 -8.22 3.90
N PRO A 188 -13.58 -7.96 4.30
CA PRO A 188 -14.25 -6.68 4.06
C PRO A 188 -13.50 -5.53 4.76
N PRO A 189 -13.50 -4.33 4.15
CA PRO A 189 -12.82 -3.18 4.74
C PRO A 189 -13.26 -2.86 6.16
N GLU A 190 -14.45 -3.27 6.53
CA GLU A 190 -14.96 -3.01 7.86
C GLU A 190 -14.24 -3.86 8.91
N ILE A 191 -13.80 -5.04 8.50
CA ILE A 191 -13.15 -5.99 9.35
C ILE A 191 -11.63 -5.85 9.31
N SER A 192 -11.11 -5.23 8.24
CA SER A 192 -9.68 -5.03 8.05
C SER A 192 -9.56 -3.79 7.14
N LEU A 193 -9.44 -2.62 7.74
CA LEU A 193 -9.34 -1.39 6.96
C LEU A 193 -7.99 -1.39 6.28
N PRO A 194 -7.98 -1.30 4.94
CA PRO A 194 -6.78 -1.29 4.12
C PRO A 194 -5.75 -0.24 4.48
N ALA A 195 -4.52 -0.50 4.08
CA ALA A 195 -3.43 0.44 4.29
C ALA A 195 -3.63 1.46 3.19
N VAL A 196 -3.11 2.65 3.38
CA VAL A 196 -3.22 3.72 2.40
C VAL A 196 -2.77 3.27 1.01
N GLY A 197 -3.65 3.45 0.03
CA GLY A 197 -3.35 3.10 -1.35
C GLY A 197 -3.16 1.65 -1.73
N GLN A 198 -3.53 0.73 -0.85
CA GLN A 198 -3.39 -0.70 -1.15
C GLN A 198 -4.22 -1.01 -2.38
N GLY A 199 -3.59 -1.61 -3.38
CA GLY A 199 -4.28 -1.95 -4.60
C GLY A 199 -3.87 -1.04 -5.75
N ALA A 200 -3.24 0.08 -5.44
CA ALA A 200 -2.82 1.02 -6.49
C ALA A 200 -1.31 1.10 -6.62
N VAL A 201 -0.83 1.31 -7.85
CA VAL A 201 0.60 1.49 -8.06
C VAL A 201 0.79 2.95 -8.43
N GLY A 202 1.83 3.57 -7.86
CA GLY A 202 2.13 4.96 -8.13
C GLY A 202 3.48 5.14 -8.78
N ILE A 203 3.57 6.13 -9.67
CA ILE A 203 4.79 6.43 -10.40
C ILE A 203 5.42 7.75 -9.92
N GLU A 204 6.69 7.70 -9.54
CA GLU A 204 7.42 8.87 -9.06
C GLU A 204 8.46 9.30 -10.09
N CYS A 205 8.65 10.60 -10.24
CA CYS A 205 9.64 11.13 -11.19
C CYS A 205 10.09 12.51 -10.75
N ARG A 206 11.05 13.07 -11.48
CA ARG A 206 11.56 14.41 -11.19
C ARG A 206 10.50 15.43 -11.58
N LEU A 207 10.04 16.23 -10.63
CA LEU A 207 9.01 17.23 -10.87
C LEU A 207 9.30 18.15 -12.06
N ASP A 208 10.57 18.49 -12.25
CA ASP A 208 10.97 19.36 -13.34
C ASP A 208 10.96 18.68 -14.72
N ASP A 209 10.94 17.35 -14.72
CA ASP A 209 10.97 16.60 -15.96
C ASP A 209 9.61 16.65 -16.66
N SER A 210 9.32 17.77 -17.31
CA SER A 210 8.05 17.94 -18.01
C SER A 210 7.85 16.85 -19.07
N ARG A 211 8.89 16.61 -19.87
CA ARG A 211 8.88 15.58 -20.90
C ARG A 211 8.29 14.26 -20.39
N THR A 212 8.85 13.78 -19.28
CA THR A 212 8.39 12.55 -18.66
C THR A 212 6.97 12.69 -18.09
N ARG A 213 6.69 13.85 -17.49
CA ARG A 213 5.36 14.10 -16.91
C ARG A 213 4.22 13.99 -17.93
N GLU A 214 4.40 14.57 -19.11
CA GLU A 214 3.37 14.50 -20.14
C GLU A 214 3.16 13.08 -20.66
N LEU A 215 4.24 12.32 -20.84
CA LEU A 215 4.11 10.95 -21.33
C LEU A 215 3.37 10.10 -20.30
N LEU A 216 3.51 10.46 -19.03
CA LEU A 216 2.89 9.74 -17.92
C LEU A 216 1.42 10.06 -17.65
N ALA A 217 0.95 11.18 -18.18
CA ALA A 217 -0.41 11.64 -18.00
C ALA A 217 -1.51 10.64 -18.31
N ALA A 218 -1.43 10.02 -19.47
CA ALA A 218 -2.45 9.07 -19.90
C ALA A 218 -2.66 7.89 -18.96
N LEU A 219 -1.70 7.63 -18.08
CA LEU A 219 -1.79 6.51 -17.14
C LEU A 219 -2.47 6.88 -15.82
N ASN A 220 -2.77 8.16 -15.63
CA ASN A 220 -3.39 8.60 -14.39
C ASN A 220 -4.88 8.29 -14.40
N HIS A 221 -5.33 7.59 -13.36
CA HIS A 221 -6.75 7.25 -13.25
C HIS A 221 -7.36 8.18 -12.21
N HIS A 222 -7.99 9.26 -12.69
CA HIS A 222 -8.58 10.31 -11.86
C HIS A 222 -9.31 9.93 -10.57
N GLU A 223 -10.20 8.95 -10.65
CA GLU A 223 -10.99 8.49 -9.51
C GLU A 223 -10.09 7.89 -8.44
N THR A 224 -9.13 7.11 -8.88
CA THR A 224 -8.22 6.48 -7.93
C THR A 224 -7.29 7.52 -7.32
N ALA A 225 -6.98 8.56 -8.08
CA ALA A 225 -6.12 9.60 -7.54
C ALA A 225 -6.88 10.30 -6.40
N LEU A 226 -8.16 10.61 -6.64
CA LEU A 226 -9.02 11.27 -5.64
C LEU A 226 -9.02 10.50 -4.33
N ARG A 227 -9.27 9.21 -4.43
CA ARG A 227 -9.31 8.33 -3.28
C ARG A 227 -7.99 8.27 -2.54
N VAL A 228 -6.90 8.14 -3.27
CA VAL A 228 -5.59 8.03 -2.62
C VAL A 228 -5.05 9.36 -2.07
N THR A 229 -5.43 10.48 -2.66
CA THR A 229 -4.97 11.77 -2.15
C THR A 229 -5.54 11.98 -0.74
N ALA A 230 -6.82 11.65 -0.57
CA ALA A 230 -7.49 11.80 0.72
C ALA A 230 -6.86 10.87 1.75
N GLU A 231 -6.66 9.62 1.37
CA GLU A 231 -6.04 8.61 2.24
C GLU A 231 -4.65 9.04 2.67
N ARG A 232 -3.88 9.58 1.72
CA ARG A 232 -2.53 10.03 2.00
C ARG A 232 -2.47 11.35 2.78
N ALA A 233 -3.46 12.22 2.60
CA ALA A 233 -3.48 13.48 3.35
C ALA A 233 -3.63 13.13 4.83
N MET A 234 -4.46 12.11 5.08
CA MET A 234 -4.70 11.62 6.42
C MET A 234 -3.39 11.13 7.02
N ASN A 235 -2.72 10.23 6.30
CA ASN A 235 -1.45 9.65 6.72
C ASN A 235 -0.31 10.64 6.88
N THR A 236 -0.23 11.60 5.97
CA THR A 236 0.80 12.61 5.98
C THR A 236 0.77 13.48 7.24
N ARG A 237 -0.43 13.78 7.73
CA ARG A 237 -0.58 14.60 8.93
C ARG A 237 -0.23 13.74 10.13
N LEU A 238 -0.54 12.45 10.02
CA LEU A 238 -0.26 11.47 11.07
C LEU A 238 1.22 11.07 10.97
N GLU A 239 1.87 11.48 9.89
CA GLU A 239 3.28 11.20 9.62
C GLU A 239 3.62 9.72 9.89
N GLY A 240 2.84 8.82 9.31
CA GLY A 240 3.06 7.39 9.51
C GLY A 240 3.72 6.71 8.31
N GLY A 241 3.93 5.40 8.44
CA GLY A 241 4.54 4.59 7.39
C GLY A 241 4.03 3.17 7.55
N CYS A 242 4.69 2.18 6.96
CA CYS A 242 4.23 0.78 7.08
C CYS A 242 4.33 0.25 8.53
N GLN A 243 5.28 0.80 9.27
CA GLN A 243 5.52 0.38 10.65
C GLN A 243 4.61 0.90 11.73
N VAL A 244 3.54 1.63 11.37
CA VAL A 244 2.62 2.15 12.37
C VAL A 244 1.21 1.58 12.14
N PRO A 245 0.49 1.27 13.24
CA PRO A 245 -0.86 0.72 13.20
C PRO A 245 -1.91 1.73 12.74
N ILE A 246 -1.90 2.03 11.44
CA ILE A 246 -2.82 2.99 10.85
C ILE A 246 -3.59 2.43 9.66
N GLY A 247 -4.91 2.64 9.68
CA GLY A 247 -5.78 2.20 8.60
C GLY A 247 -6.23 3.48 7.91
N SER A 248 -6.42 3.44 6.60
CA SER A 248 -6.85 4.62 5.86
C SER A 248 -7.34 4.17 4.49
N TYR A 249 -8.66 4.23 4.32
CA TYR A 249 -9.31 3.79 3.10
C TYR A 249 -10.47 4.71 2.70
N ALA A 250 -10.49 5.09 1.44
CA ALA A 250 -11.50 5.98 0.89
C ALA A 250 -12.17 5.37 -0.33
N GLU A 251 -13.46 5.68 -0.48
CA GLU A 251 -14.28 5.22 -1.59
C GLU A 251 -15.08 6.38 -2.18
N LEU A 252 -15.49 6.23 -3.44
CA LEU A 252 -16.27 7.23 -4.16
C LEU A 252 -17.74 6.82 -4.08
N ILE A 253 -18.42 7.26 -3.04
CA ILE A 253 -19.82 6.93 -2.83
C ILE A 253 -20.75 8.05 -3.31
N ASP A 254 -21.42 7.83 -4.44
CA ASP A 254 -22.35 8.80 -5.01
C ASP A 254 -21.77 10.20 -5.17
N GLY A 255 -20.65 10.30 -5.89
CA GLY A 255 -20.04 11.60 -6.11
C GLY A 255 -19.40 12.23 -4.88
N GLU A 256 -19.15 11.45 -3.83
CA GLU A 256 -18.52 11.96 -2.61
C GLU A 256 -17.46 11.01 -2.09
N ILE A 257 -16.37 11.56 -1.56
CA ILE A 257 -15.31 10.74 -1.00
C ILE A 257 -15.73 10.37 0.43
N TRP A 258 -15.79 9.08 0.71
CA TRP A 258 -16.11 8.65 2.05
C TRP A 258 -14.80 8.11 2.61
N LEU A 259 -14.17 8.89 3.47
CA LEU A 259 -12.91 8.49 4.07
C LEU A 259 -13.08 7.90 5.48
N ARG A 260 -12.40 6.78 5.71
CA ARG A 260 -12.42 6.09 6.99
C ARG A 260 -10.98 5.89 7.40
N ALA A 261 -10.73 5.83 8.70
CA ALA A 261 -9.38 5.66 9.22
C ALA A 261 -9.37 5.14 10.64
N LEU A 262 -8.24 4.62 11.08
CA LEU A 262 -8.09 4.14 12.45
C LEU A 262 -6.64 4.10 12.88
N VAL A 263 -6.43 4.10 14.20
CA VAL A 263 -5.10 4.01 14.77
C VAL A 263 -5.33 3.14 16.00
N GLY A 264 -4.62 2.03 16.10
CA GLY A 264 -4.84 1.16 17.24
C GLY A 264 -3.62 0.57 17.89
N ALA A 265 -3.80 0.13 19.14
CA ALA A 265 -2.71 -0.49 19.88
C ALA A 265 -2.52 -1.89 19.32
N PRO A 266 -1.27 -2.37 19.27
CA PRO A 266 -0.92 -3.70 18.76
C PRO A 266 -1.74 -4.82 19.40
N ASP A 267 -2.01 -4.69 20.69
CA ASP A 267 -2.79 -5.67 21.43
C ASP A 267 -4.31 -5.60 21.16
N GLY A 268 -4.72 -4.61 20.38
CA GLY A 268 -6.12 -4.45 20.02
C GLY A 268 -7.06 -3.95 21.12
N SER A 269 -6.50 -3.47 22.23
CA SER A 269 -7.31 -2.97 23.33
C SER A 269 -7.98 -1.66 22.93
N GLN A 270 -7.20 -0.67 22.54
CA GLN A 270 -7.77 0.60 22.14
C GLN A 270 -7.56 0.90 20.67
N ILE A 271 -8.66 1.08 19.95
CA ILE A 271 -8.59 1.40 18.54
C ILE A 271 -9.42 2.66 18.35
N ILE A 272 -8.80 3.66 17.76
CA ILE A 272 -9.44 4.96 17.50
C ILE A 272 -9.94 4.99 16.05
N ARG A 273 -11.25 5.12 15.86
CA ARG A 273 -11.81 5.16 14.53
C ARG A 273 -12.40 6.53 14.24
N GLY A 274 -12.49 6.87 12.96
CA GLY A 274 -13.03 8.16 12.56
C GLY A 274 -13.41 8.08 11.11
N GLU A 275 -14.31 8.96 10.65
CA GLU A 275 -14.72 8.98 9.26
C GLU A 275 -15.04 10.40 8.80
N ARG A 276 -15.05 10.62 7.49
CA ARG A 276 -15.32 11.94 6.94
C ARG A 276 -15.92 11.73 5.56
N ARG A 277 -16.82 12.63 5.17
CA ARG A 277 -17.46 12.55 3.86
C ARG A 277 -17.59 13.94 3.25
N GLY A 278 -17.19 14.08 1.98
CA GLY A 278 -17.28 15.37 1.33
C GLY A 278 -17.02 15.33 -0.15
N ALA A 279 -17.07 16.50 -0.78
CA ALA A 279 -16.85 16.62 -2.22
C ALA A 279 -15.42 16.28 -2.56
N PRO A 280 -15.21 15.64 -3.72
CA PRO A 280 -13.88 15.25 -4.18
C PRO A 280 -12.81 16.33 -4.08
N GLN A 281 -13.19 17.56 -4.40
CA GLN A 281 -12.27 18.68 -4.36
C GLN A 281 -11.63 18.90 -2.99
N ASP A 282 -12.29 18.47 -1.92
CA ASP A 282 -11.76 18.68 -0.58
C ASP A 282 -11.09 17.44 0.02
N ALA A 283 -10.61 16.56 -0.85
CA ALA A 283 -9.97 15.32 -0.43
C ALA A 283 -8.81 15.51 0.56
N GLU A 284 -7.87 16.38 0.20
CA GLU A 284 -6.69 16.65 1.03
C GLU A 284 -7.06 17.22 2.39
N GLN A 285 -7.96 18.20 2.41
CA GLN A 285 -8.35 18.82 3.67
C GLN A 285 -9.18 17.91 4.58
N MET A 286 -10.07 17.09 4.00
CA MET A 286 -10.86 16.20 4.83
C MET A 286 -9.98 15.13 5.46
N GLY A 287 -8.92 14.76 4.75
CA GLY A 287 -7.98 13.77 5.26
C GLY A 287 -7.20 14.39 6.39
N ILE A 288 -6.84 15.65 6.21
CA ILE A 288 -6.09 16.39 7.22
C ILE A 288 -6.95 16.60 8.47
N SER A 289 -8.24 16.87 8.28
CA SER A 289 -9.17 17.07 9.40
C SER A 289 -9.38 15.79 10.18
N LEU A 290 -9.58 14.69 9.46
CA LEU A 290 -9.80 13.42 10.11
C LEU A 290 -8.60 13.05 10.97
N ALA A 291 -7.40 13.23 10.40
CA ALA A 291 -6.16 12.91 11.10
C ALA A 291 -6.06 13.64 12.44
N GLU A 292 -6.42 14.92 12.43
CA GLU A 292 -6.36 15.73 13.64
C GLU A 292 -7.40 15.31 14.67
N GLU A 293 -8.57 14.86 14.21
CA GLU A 293 -9.62 14.38 15.09
C GLU A 293 -9.05 13.16 15.82
N LEU A 294 -8.41 12.25 15.07
CA LEU A 294 -7.82 11.06 15.68
C LEU A 294 -6.73 11.45 16.69
N LEU A 295 -5.90 12.43 16.31
CA LEU A 295 -4.83 12.88 17.20
C LEU A 295 -5.37 13.33 18.55
N ASN A 296 -6.38 14.18 18.52
CA ASN A 296 -7.00 14.71 19.74
C ASN A 296 -7.76 13.67 20.54
N ASN A 297 -8.13 12.58 19.88
CA ASN A 297 -8.88 11.51 20.53
C ASN A 297 -8.00 10.40 21.11
N GLY A 298 -6.70 10.64 21.18
CA GLY A 298 -5.82 9.63 21.75
C GLY A 298 -4.82 8.97 20.82
N ALA A 299 -4.95 9.19 19.51
CA ALA A 299 -4.01 8.59 18.56
C ALA A 299 -2.58 9.01 18.85
N ARG A 300 -2.40 10.27 19.24
CA ARG A 300 -1.08 10.81 19.54
C ARG A 300 -0.30 9.95 20.54
N GLU A 301 -0.96 9.61 21.65
CA GLU A 301 -0.33 8.80 22.69
C GLU A 301 -0.06 7.37 22.23
N ILE A 302 -1.00 6.79 21.49
CA ILE A 302 -0.85 5.41 20.99
C ILE A 302 0.31 5.32 20.01
N LEU A 303 0.44 6.33 19.15
CA LEU A 303 1.51 6.35 18.18
C LEU A 303 2.85 6.54 18.86
N ALA A 304 2.90 7.45 19.83
CA ALA A 304 4.13 7.71 20.58
C ALA A 304 4.57 6.42 21.28
N GLU A 305 3.58 5.59 21.62
CA GLU A 305 3.81 4.32 22.28
C GLU A 305 4.71 3.42 21.42
N VAL A 306 4.32 3.22 20.16
CA VAL A 306 5.07 2.39 19.22
C VAL A 306 6.26 3.14 18.62
C1A DPM B . 3.45 -2.08 3.90
C2A DPM B . 2.88 -2.96 4.77
C3A DPM B . 3.17 -4.27 4.31
C4A DPM B . 3.89 -4.12 3.14
C5A DPM B . 2.09 -2.57 6.01
C6A DPM B . 0.59 -2.73 5.88
C7A DPM B . 2.65 -5.58 4.88
C8A DPM B . 3.58 -6.24 5.91
C9A DPM B . 3.00 -7.55 6.48
CHA DPM B . 3.44 -0.56 3.89
NA DPM B . 4.09 -2.78 2.93
O1A DPM B . -0.12 -2.24 6.78
O2A DPM B . 0.12 -3.35 4.91
O3A DPM B . 3.78 -8.33 7.05
O4A DPM B . 1.79 -7.79 6.35
C1B DPM B . 3.76 -5.14 0.80
C2B DPM B . 2.94 -6.06 0.20
C3B DPM B . 2.57 -5.52 -1.07
C4B DPM B . 3.16 -4.28 -1.16
C5B DPM B . 2.57 -7.43 0.75
C6B DPM B . 1.08 -7.64 1.03
C7B DPM B . 1.63 -6.12 -2.10
C8B DPM B . 0.21 -5.56 -2.07
C9B DPM B . 0.09 -4.17 -2.72
CHB DPM B . 4.46 -5.13 2.16
NB DPM B . 3.89 -4.06 -0.02
O1B DPM B . 0.46 -6.84 1.77
O2B DPM B . 0.51 -8.62 0.51
O3B DPM B . 0.55 -4.02 -3.86
O4B DPM B . -0.49 -3.26 -2.10
#